data_5BP3
#
_entry.id   5BP3
#
_cell.length_a   67.060
_cell.length_b   162.200
_cell.length_c   59.490
_cell.angle_alpha   90.00
_cell.angle_beta   90.00
_cell.angle_gamma   90.00
#
_symmetry.space_group_name_H-M   'P 21 21 2'
#
loop_
_entity.id
_entity.type
_entity.pdbx_description
1 polymer 'Mycocerosic acid synthase-like polyketide synthase'
2 non-polymer 1,2-ETHANEDIOL
3 water water
#
_entity_poly.entity_id   1
_entity_poly.type   'polypeptide(L)'
_entity_poly.pdbx_seq_one_letter_code
;SMLDRELESSAPGVPSVSVHPLLGSHVVLPQEPEEHLWQGDVGTEAHPWLSDHRVHQVAVLPGAAYCEMALAAVTPVLGD
TGEVHDLKFHDMLLLDDATPVWVSAAVTAPGTAEFGVETHQSGDRTQRATAVLRGDVDAERPAAHSIDALLAAHPNRVDG
DELRAGFGTVGIGHGAAFAGLSEAYVATAAEPTVVAAVALPGPLRSGQRGYTVHPALLDACFQSVIAHPEVQNIASGMLL
PLGVRRLRAYGSTRNVRYCLSRIVKADSFGVEADLELLDADGTVLLSAMGLQLGTGNSDKAEEER
;
_entity_poly.pdbx_strand_id   A,B
#
# COMPACT_ATOMS: atom_id res chain seq x y z
N VAL A 14 -23.28 -7.89 21.86
CA VAL A 14 -23.77 -6.56 21.49
C VAL A 14 -23.08 -6.05 20.22
N PRO A 15 -23.87 -5.68 19.20
CA PRO A 15 -23.26 -5.24 17.95
C PRO A 15 -22.53 -3.94 18.11
N SER A 16 -21.70 -3.70 17.11
CA SER A 16 -20.87 -2.52 17.12
C SER A 16 -20.60 -2.04 15.71
N VAL A 17 -20.25 -0.76 15.59
N VAL A 17 -20.23 -0.77 15.61
CA VAL A 17 -19.91 -0.19 14.30
CA VAL A 17 -19.94 -0.12 14.35
C VAL A 17 -18.60 0.57 14.45
C VAL A 17 -18.57 0.54 14.48
N SER A 18 -17.76 0.46 13.44
CA SER A 18 -16.47 1.14 13.48
C SER A 18 -16.74 2.65 13.32
N VAL A 19 -15.91 3.47 13.96
CA VAL A 19 -16.06 4.91 13.88
C VAL A 19 -14.70 5.53 13.66
N HIS A 20 -14.73 6.68 13.03
CA HIS A 20 -13.53 7.48 12.91
C HIS A 20 -13.20 7.97 14.33
N PRO A 21 -11.91 8.01 14.70
CA PRO A 21 -11.54 8.35 16.09
C PRO A 21 -11.97 9.74 16.58
N LEU A 22 -12.07 10.70 15.67
CA LEU A 22 -12.49 12.05 16.02
C LEU A 22 -13.94 12.31 15.66
N LEU A 23 -14.38 11.87 14.50
CA LEU A 23 -15.75 12.19 14.08
C LEU A 23 -16.80 11.46 14.94
N GLY A 24 -16.51 10.25 15.35
CA GLY A 24 -17.47 9.50 16.17
C GLY A 24 -18.71 9.02 15.44
N SER A 25 -19.83 9.05 16.16
CA SER A 25 -21.04 8.39 15.66
C SER A 25 -21.66 9.22 14.55
N HIS A 26 -22.07 8.54 13.48
CA HIS A 26 -22.52 9.13 12.24
C HIS A 26 -23.98 8.82 11.91
N VAL A 27 -24.76 9.83 11.58
CA VAL A 27 -26.11 9.60 11.02
C VAL A 27 -26.32 10.49 9.80
N VAL A 28 -27.25 10.09 8.95
CA VAL A 28 -27.76 10.94 7.91
C VAL A 28 -29.10 11.49 8.42
N LEU A 29 -29.36 12.76 8.26
CA LEU A 29 -30.60 13.34 8.77
C LEU A 29 -31.77 12.89 7.90
N PRO A 30 -32.97 12.75 8.50
CA PRO A 30 -34.15 12.33 7.75
C PRO A 30 -34.78 13.51 7.01
N GLN A 31 -34.07 14.03 6.03
CA GLN A 31 -34.56 15.19 5.29
C GLN A 31 -33.83 15.34 3.94
N GLU A 32 -34.28 16.32 3.17
CA GLU A 32 -33.62 16.70 1.93
C GLU A 32 -33.22 18.15 2.07
N PRO A 33 -32.08 18.53 1.48
CA PRO A 33 -31.11 17.71 0.75
C PRO A 33 -30.33 16.80 1.70
N GLU A 34 -29.49 15.94 1.13
CA GLU A 34 -28.71 15.01 1.91
C GLU A 34 -27.80 15.74 2.88
N GLU A 35 -27.95 15.41 4.16
CA GLU A 35 -27.12 15.99 5.21
C GLU A 35 -26.67 14.98 6.24
N HIS A 36 -25.40 15.05 6.60
CA HIS A 36 -24.74 14.16 7.53
C HIS A 36 -24.45 14.89 8.84
N LEU A 37 -24.50 14.14 9.94
CA LEU A 37 -24.20 14.65 11.25
C LEU A 37 -23.38 13.60 12.00
N TRP A 38 -22.26 14.06 12.58
CA TRP A 38 -21.47 13.23 13.44
C TRP A 38 -21.40 13.86 14.83
N GLN A 39 -21.34 13.03 15.87
CA GLN A 39 -21.03 13.49 17.22
C GLN A 39 -19.81 12.76 17.73
N GLY A 40 -18.73 13.50 18.00
CA GLY A 40 -17.49 12.92 18.47
C GLY A 40 -17.08 13.52 19.80
N ASP A 41 -15.91 13.11 20.27
CA ASP A 41 -15.31 13.59 21.50
C ASP A 41 -13.84 13.78 21.23
N VAL A 42 -13.40 15.03 21.33
CA VAL A 42 -11.96 15.36 21.17
C VAL A 42 -11.33 15.73 22.49
N GLY A 43 -11.88 15.22 23.59
CA GLY A 43 -11.30 15.52 24.89
C GLY A 43 -10.07 14.70 25.18
N THR A 44 -9.32 15.14 26.18
CA THR A 44 -8.05 14.51 26.50
C THR A 44 -8.20 13.15 27.20
N GLU A 45 -9.36 12.83 27.78
CA GLU A 45 -9.53 11.50 28.31
CA GLU A 45 -9.54 11.49 28.30
C GLU A 45 -9.68 10.51 27.15
N ALA A 46 -10.41 10.89 26.10
CA ALA A 46 -10.56 10.06 24.92
C ALA A 46 -9.26 9.95 24.10
N HIS A 47 -8.51 11.04 24.07
CA HIS A 47 -7.33 11.16 23.23
C HIS A 47 -6.23 11.79 24.07
N PRO A 48 -5.54 10.97 24.90
CA PRO A 48 -4.58 11.57 25.82
C PRO A 48 -3.46 12.30 25.08
N TRP A 49 -3.16 11.87 23.85
CA TRP A 49 -2.11 12.54 23.07
C TRP A 49 -2.43 14.00 22.78
N LEU A 50 -3.70 14.39 22.81
CA LEU A 50 -4.07 15.80 22.61
C LEU A 50 -3.65 16.70 23.78
N SER A 51 -3.33 16.10 24.94
CA SER A 51 -2.73 16.88 26.03
C SER A 51 -1.39 17.50 25.60
N ASP A 52 -0.78 16.98 24.53
CA ASP A 52 0.57 17.39 24.15
C ASP A 52 0.61 18.53 23.14
N HIS A 53 -0.54 19.11 22.85
CA HIS A 53 -0.60 20.33 22.01
C HIS A 53 -1.21 21.45 22.83
N ARG A 54 -0.35 22.34 23.32
CA ARG A 54 -0.75 23.34 24.29
C ARG A 54 -0.45 24.75 23.83
N VAL A 55 -1.34 25.67 24.17
CA VAL A 55 -1.12 27.10 23.97
C VAL A 55 -1.23 27.75 25.34
N HIS A 56 -0.20 28.47 25.76
CA HIS A 56 -0.11 29.01 27.10
C HIS A 56 -0.45 27.95 28.17
N GLN A 57 0.13 26.77 28.00
CA GLN A 57 0.03 25.70 28.98
C GLN A 57 -1.39 25.10 29.17
N VAL A 58 -2.31 25.41 28.25
CA VAL A 58 -3.58 24.69 28.22
CA VAL A 58 -3.66 24.82 28.16
C VAL A 58 -3.77 23.96 26.91
N ALA A 59 -4.37 22.76 27.00
CA ALA A 59 -4.59 21.93 25.82
C ALA A 59 -5.58 22.57 24.87
N VAL A 60 -5.21 22.65 23.58
CA VAL A 60 -6.03 23.28 22.55
C VAL A 60 -6.05 22.38 21.32
N LEU A 61 -7.21 22.20 20.69
CA LEU A 61 -7.27 21.30 19.55
C LEU A 61 -6.40 21.92 18.44
N PRO A 62 -5.49 21.13 17.88
CA PRO A 62 -4.67 21.70 16.79
C PRO A 62 -5.48 21.82 15.52
N GLY A 63 -5.13 22.76 14.65
CA GLY A 63 -5.78 22.89 13.37
C GLY A 63 -5.71 21.63 12.50
N ALA A 64 -4.63 20.87 12.68
CA ALA A 64 -4.45 19.62 11.96
C ALA A 64 -5.61 18.68 12.23
N ALA A 65 -6.20 18.77 13.41
CA ALA A 65 -7.34 17.89 13.72
C ALA A 65 -8.52 18.23 12.83
N TYR A 66 -8.83 19.51 12.62
CA TYR A 66 -9.90 19.86 11.68
C TYR A 66 -9.62 19.38 10.26
N CYS A 67 -8.35 19.43 9.85
CA CYS A 67 -7.99 18.95 8.54
C CYS A 67 -8.30 17.47 8.36
N GLU A 68 -8.01 16.69 9.38
CA GLU A 68 -8.30 15.26 9.39
C GLU A 68 -9.79 15.02 9.37
N MET A 69 -10.52 15.75 10.20
N MET A 69 -10.53 15.79 10.16
CA MET A 69 -11.97 15.62 10.21
CA MET A 69 -11.99 15.61 10.24
C MET A 69 -12.53 15.81 8.81
C MET A 69 -12.70 15.97 8.93
N ALA A 70 -12.14 16.90 8.17
CA ALA A 70 -12.67 17.21 6.84
C ALA A 70 -12.26 16.13 5.84
N LEU A 71 -10.98 15.72 5.87
CA LEU A 71 -10.53 14.65 4.98
C LEU A 71 -11.32 13.34 5.18
N ALA A 72 -11.61 13.02 6.42
CA ALA A 72 -12.28 11.75 6.76
C ALA A 72 -13.74 11.80 6.33
N ALA A 73 -14.29 13.00 6.20
CA ALA A 73 -15.71 13.14 5.84
C ALA A 73 -16.00 13.00 4.34
N VAL A 74 -14.98 13.16 3.49
CA VAL A 74 -15.23 13.17 2.05
C VAL A 74 -15.87 11.88 1.55
N THR A 75 -15.29 10.72 1.91
CA THR A 75 -15.78 9.45 1.37
C THR A 75 -17.21 9.14 1.79
N PRO A 76 -17.50 9.23 3.11
CA PRO A 76 -18.89 8.93 3.51
C PRO A 76 -19.94 9.84 2.85
N VAL A 77 -19.56 11.08 2.56
CA VAL A 77 -20.50 12.06 2.03
C VAL A 77 -20.62 12.02 0.52
N LEU A 78 -19.51 11.91 -0.16
CA LEU A 78 -19.50 11.99 -1.62
C LEU A 78 -19.14 10.68 -2.31
N GLY A 79 -18.72 9.70 -1.54
CA GLY A 79 -18.48 8.37 -2.06
C GLY A 79 -17.10 8.08 -2.67
N ASP A 80 -16.15 9.00 -2.62
N ASP A 80 -16.20 9.06 -2.51
CA ASP A 80 -14.93 8.65 -3.34
CA ASP A 80 -14.80 9.01 -2.97
C ASP A 80 -13.71 9.46 -2.98
C ASP A 80 -13.97 9.80 -1.97
N THR A 81 -12.59 9.03 -3.56
N THR A 81 -12.66 9.60 -1.94
CA THR A 81 -11.38 9.80 -3.52
CA THR A 81 -11.80 10.31 -0.99
C THR A 81 -11.75 11.21 -3.97
C THR A 81 -11.68 11.79 -1.34
N GLY A 82 -11.55 12.16 -3.06
N GLY A 82 -11.77 12.10 -2.64
CA GLY A 82 -11.87 13.55 -3.31
CA GLY A 82 -11.89 13.46 -3.12
C GLY A 82 -10.87 14.41 -2.57
C GLY A 82 -10.87 14.40 -2.53
N GLU A 83 -11.28 15.63 -2.24
CA GLU A 83 -10.40 16.59 -1.59
C GLU A 83 -11.20 17.64 -0.85
N VAL A 84 -10.49 18.47 -0.09
CA VAL A 84 -11.12 19.48 0.75
C VAL A 84 -10.69 20.86 0.31
N HIS A 85 -11.62 21.79 0.21
CA HIS A 85 -11.32 23.16 -0.19
C HIS A 85 -11.65 24.17 0.90
N ASP A 86 -10.81 25.18 1.02
CA ASP A 86 -11.12 26.36 1.81
C ASP A 86 -11.44 26.07 3.29
N LEU A 87 -10.66 25.21 3.89
CA LEU A 87 -10.84 24.87 5.30
C LEU A 87 -10.33 26.05 6.11
N LYS A 88 -11.13 26.50 7.05
CA LYS A 88 -10.82 27.58 7.97
C LYS A 88 -11.11 27.18 9.38
N PHE A 89 -10.27 27.58 10.32
CA PHE A 89 -10.50 27.29 11.73
C PHE A 89 -9.95 28.44 12.56
N HIS A 90 -10.82 29.37 12.92
CA HIS A 90 -10.40 30.66 13.46
C HIS A 90 -10.75 30.90 14.93
N ASP A 91 -11.19 29.87 15.63
CA ASP A 91 -11.67 30.05 17.01
C ASP A 91 -11.16 28.89 17.86
N MET A 92 -10.04 29.11 18.54
CA MET A 92 -9.33 28.03 19.22
C MET A 92 -10.18 27.31 20.25
N LEU A 93 -10.12 25.98 20.24
CA LEU A 93 -10.94 25.13 21.10
C LEU A 93 -10.11 24.63 22.25
N LEU A 94 -10.44 25.11 23.46
CA LEU A 94 -9.81 24.63 24.67
C LEU A 94 -10.41 23.28 25.01
N LEU A 95 -9.54 22.32 25.30
CA LEU A 95 -10.00 20.94 25.58
C LEU A 95 -10.21 20.66 27.06
N ASP A 96 -11.14 19.76 27.31
CA ASP A 96 -11.41 19.25 28.65
C ASP A 96 -11.28 17.74 28.61
N ASP A 97 -11.57 17.06 29.73
CA ASP A 97 -11.51 15.61 29.71
C ASP A 97 -12.44 15.07 28.63
N ALA A 98 -13.64 15.65 28.54
CA ALA A 98 -14.56 15.38 27.43
C ALA A 98 -14.87 16.68 26.72
N THR A 99 -14.72 16.68 25.40
CA THR A 99 -15.06 17.82 24.60
C THR A 99 -15.83 17.37 23.40
N PRO A 100 -17.16 17.44 23.51
CA PRO A 100 -18.00 16.99 22.41
C PRO A 100 -17.87 17.91 21.21
N VAL A 101 -17.89 17.33 20.01
CA VAL A 101 -17.89 18.13 18.77
C VAL A 101 -18.92 17.54 17.84
N TRP A 102 -19.57 18.43 17.11
CA TRP A 102 -20.51 18.04 16.09
C TRP A 102 -20.00 18.45 14.73
N VAL A 103 -20.01 17.49 13.81
CA VAL A 103 -19.51 17.69 12.46
C VAL A 103 -20.66 17.56 11.51
N SER A 104 -20.77 18.44 10.54
CA SER A 104 -21.89 18.44 9.61
C SER A 104 -21.42 18.47 8.17
N ALA A 105 -22.17 17.89 7.26
CA ALA A 105 -21.85 17.97 5.85
C ALA A 105 -23.14 17.96 5.08
N ALA A 106 -23.38 19.01 4.30
CA ALA A 106 -24.62 19.15 3.55
C ALA A 106 -24.29 19.18 2.08
N VAL A 107 -24.85 18.26 1.33
CA VAL A 107 -24.61 18.18 -0.10
C VAL A 107 -25.38 19.29 -0.80
N THR A 108 -24.67 20.15 -1.53
CA THR A 108 -25.31 21.26 -2.23
C THR A 108 -25.47 21.00 -3.71
N ALA A 109 -24.68 20.09 -4.25
CA ALA A 109 -24.80 19.70 -5.65
C ALA A 109 -24.01 18.44 -5.75
N PRO A 110 -24.20 17.69 -6.83
CA PRO A 110 -23.40 16.48 -6.99
C PRO A 110 -21.92 16.81 -6.88
N GLY A 111 -21.23 16.04 -6.05
CA GLY A 111 -19.80 16.23 -5.86
C GLY A 111 -19.37 17.36 -4.96
N THR A 112 -20.30 18.11 -4.36
CA THR A 112 -19.93 19.21 -3.48
C THR A 112 -20.75 19.24 -2.20
N ALA A 113 -20.07 19.44 -1.08
CA ALA A 113 -20.77 19.53 0.19
C ALA A 113 -20.14 20.58 1.09
N GLU A 114 -21.00 21.31 1.79
CA GLU A 114 -20.56 22.24 2.82
C GLU A 114 -20.30 21.53 4.14
N PHE A 115 -19.15 21.77 4.72
CA PHE A 115 -18.67 21.07 5.90
C PHE A 115 -18.52 22.05 7.05
N GLY A 116 -18.87 21.62 8.25
CA GLY A 116 -18.78 22.45 9.44
C GLY A 116 -18.41 21.63 10.66
N VAL A 117 -17.78 22.26 11.64
CA VAL A 117 -17.48 21.67 12.92
C VAL A 117 -17.91 22.69 13.96
N GLU A 118 -18.64 22.24 14.99
CA GLU A 118 -19.09 23.15 16.01
C GLU A 118 -19.09 22.50 17.38
N THR A 119 -19.00 23.35 18.41
CA THR A 119 -19.12 22.89 19.79
C THR A 119 -20.30 23.60 20.42
N HIS A 120 -20.76 23.02 21.54
CA HIS A 120 -22.18 23.00 21.99
C HIS A 120 -23.07 24.15 21.54
N ASP A 124 -24.64 27.49 24.43
CA ASP A 124 -24.02 28.38 23.43
C ASP A 124 -23.25 27.62 22.34
N ARG A 125 -23.62 27.88 21.08
CA ARG A 125 -23.03 27.25 19.90
C ARG A 125 -21.85 28.06 19.36
N THR A 126 -20.71 27.40 19.13
CA THR A 126 -19.53 28.06 18.54
C THR A 126 -18.97 27.28 17.35
N GLN A 127 -18.89 27.96 16.20
CA GLN A 127 -18.32 27.36 15.00
C GLN A 127 -16.81 27.22 15.16
N ARG A 128 -16.29 26.04 14.80
CA ARG A 128 -14.85 25.76 14.94
C ARG A 128 -14.17 25.59 13.61
N ALA A 129 -14.89 25.17 12.59
CA ALA A 129 -14.29 25.03 11.28
C ALA A 129 -15.34 25.06 10.19
N THR A 130 -14.96 25.51 9.00
CA THR A 130 -15.79 25.42 7.82
C THR A 130 -14.95 24.98 6.67
N ALA A 131 -15.53 24.32 5.70
CA ALA A 131 -14.83 23.93 4.49
C ALA A 131 -15.85 23.51 3.43
N VAL A 132 -15.36 23.23 2.24
CA VAL A 132 -16.14 22.57 1.19
C VAL A 132 -15.48 21.23 0.86
N LEU A 133 -16.28 20.17 0.82
CA LEU A 133 -15.80 18.86 0.40
C LEU A 133 -16.07 18.69 -1.10
N ARG A 134 -15.11 18.15 -1.84
CA ARG A 134 -15.25 17.97 -3.29
C ARG A 134 -14.93 16.53 -3.70
N GLY A 135 -15.83 15.93 -4.48
CA GLY A 135 -15.64 14.56 -4.92
C GLY A 135 -15.44 14.42 -6.43
N ASP A 136 -15.49 15.55 -7.13
CA ASP A 136 -15.51 15.56 -8.58
C ASP A 136 -14.21 16.03 -9.21
N VAL A 137 -13.21 16.32 -8.39
CA VAL A 137 -11.92 16.79 -8.90
C VAL A 137 -11.00 15.59 -9.09
N ASP A 138 -10.65 15.28 -10.33
CA ASP A 138 -9.79 14.14 -10.60
C ASP A 138 -8.35 14.59 -10.76
N ALA A 139 -7.87 15.33 -9.77
CA ALA A 139 -6.48 15.75 -9.71
C ALA A 139 -5.60 14.50 -9.59
N GLU A 140 -4.42 14.55 -10.18
CA GLU A 140 -3.48 13.44 -10.14
CA GLU A 140 -3.49 13.43 -10.12
C GLU A 140 -2.34 13.72 -9.15
N ARG A 141 -1.74 12.64 -8.65
CA ARG A 141 -0.68 12.73 -7.67
C ARG A 141 0.51 13.49 -8.27
N PRO A 142 1.04 14.47 -7.54
CA PRO A 142 2.31 15.05 -8.00
C PRO A 142 3.40 13.99 -8.14
N ALA A 143 4.37 14.22 -9.03
CA ALA A 143 5.46 13.30 -9.22
C ALA A 143 6.34 13.15 -7.96
N ALA A 144 7.00 12.01 -7.84
CA ALA A 144 7.85 11.73 -6.71
C ALA A 144 9.12 12.55 -6.78
N HIS A 145 9.77 12.63 -5.65
CA HIS A 145 11.03 13.36 -5.52
C HIS A 145 12.17 12.43 -5.21
N SER A 146 13.39 12.90 -5.49
CA SER A 146 14.61 12.28 -4.97
C SER A 146 14.92 12.92 -3.63
N ILE A 147 14.75 12.17 -2.56
CA ILE A 147 15.09 12.69 -1.23
C ILE A 147 16.56 13.16 -1.18
N ASP A 148 17.46 12.37 -1.78
CA ASP A 148 18.86 12.78 -1.77
C ASP A 148 19.05 14.16 -2.43
N ALA A 149 18.42 14.37 -3.58
CA ALA A 149 18.53 15.66 -4.29
C ALA A 149 17.91 16.79 -3.48
N LEU A 150 16.78 16.55 -2.82
CA LEU A 150 16.20 17.56 -1.95
C LEU A 150 17.15 17.94 -0.81
N LEU A 151 17.70 16.94 -0.13
CA LEU A 151 18.62 17.21 0.98
C LEU A 151 19.87 17.94 0.50
N ALA A 152 20.42 17.53 -0.66
CA ALA A 152 21.64 18.15 -1.16
C ALA A 152 21.43 19.63 -1.40
N ALA A 153 20.21 20.02 -1.77
CA ALA A 153 19.91 21.41 -2.11
C ALA A 153 19.58 22.28 -0.90
N HIS A 154 19.47 21.64 0.27
CA HIS A 154 19.08 22.32 1.50
C HIS A 154 20.07 21.91 2.59
N PRO A 155 21.27 22.50 2.58
CA PRO A 155 22.37 21.97 3.38
C PRO A 155 22.35 22.36 4.84
N ASN A 156 21.52 23.32 5.20
CA ASN A 156 21.55 23.88 6.54
C ASN A 156 20.49 23.26 7.44
N ARG A 157 20.96 22.63 8.50
CA ARG A 157 20.08 21.90 9.42
C ARG A 157 19.49 22.79 10.50
N VAL A 158 18.20 22.59 10.76
CA VAL A 158 17.50 23.20 11.88
C VAL A 158 17.00 22.06 12.77
N ASP A 159 17.44 22.04 14.02
CA ASP A 159 17.14 20.98 14.97
C ASP A 159 15.69 21.03 15.45
N GLY A 160 15.01 19.89 15.47
CA GLY A 160 13.61 19.90 15.86
C GLY A 160 13.45 20.35 17.31
N ASP A 161 14.34 19.91 18.20
CA ASP A 161 14.20 20.28 19.62
C ASP A 161 14.40 21.80 19.78
N GLU A 162 15.39 22.34 19.06
CA GLU A 162 15.61 23.79 19.13
C GLU A 162 14.44 24.56 18.53
N LEU A 163 13.85 24.04 17.46
CA LEU A 163 12.72 24.71 16.84
C LEU A 163 11.55 24.74 17.82
N ARG A 164 11.30 23.62 18.48
CA ARG A 164 10.22 23.54 19.45
C ARG A 164 10.51 24.41 20.68
N ALA A 165 11.77 24.53 21.05
CA ALA A 165 12.12 25.44 22.12
C ALA A 165 11.75 26.88 21.77
N GLY A 166 11.99 27.26 20.51
CA GLY A 166 11.59 28.59 20.05
C GLY A 166 10.08 28.77 20.15
N PHE A 167 9.32 27.77 19.71
CA PHE A 167 7.87 27.81 19.84
C PHE A 167 7.44 28.05 21.30
N GLY A 168 8.12 27.37 22.22
CA GLY A 168 7.88 27.54 23.63
C GLY A 168 8.06 28.96 24.12
N THR A 169 8.98 29.73 23.52
CA THR A 169 9.22 31.11 23.96
C THR A 169 8.02 31.99 23.68
N VAL A 170 7.19 31.57 22.76
CA VAL A 170 5.99 32.34 22.44
C VAL A 170 4.73 31.59 22.86
N GLY A 171 4.90 30.54 23.66
CA GLY A 171 3.77 29.96 24.40
C GLY A 171 3.16 28.73 23.77
N ILE A 172 3.78 28.20 22.74
CA ILE A 172 3.26 26.99 22.08
C ILE A 172 4.06 25.81 22.56
N GLY A 173 3.38 24.87 23.21
CA GLY A 173 4.04 23.74 23.83
C GLY A 173 3.65 22.46 23.16
N HIS A 174 4.64 21.83 22.53
CA HIS A 174 4.45 20.55 21.89
C HIS A 174 5.12 19.50 22.76
N GLY A 175 4.31 18.64 23.37
CA GLY A 175 4.79 17.46 24.06
C GLY A 175 5.17 16.33 23.12
N ALA A 176 5.52 15.19 23.71
CA ALA A 176 6.04 14.06 22.96
C ALA A 176 5.17 13.67 21.74
N ALA A 177 3.85 13.68 21.87
CA ALA A 177 3.03 13.25 20.75
C ALA A 177 3.19 14.19 19.55
N PHE A 178 3.51 15.45 19.83
CA PHE A 178 3.64 16.47 18.80
C PHE A 178 5.09 16.79 18.45
N ALA A 179 5.99 15.87 18.80
CA ALA A 179 7.43 16.11 18.59
C ALA A 179 8.00 15.30 17.40
N GLY A 180 7.13 14.99 16.44
CA GLY A 180 7.52 14.18 15.30
C GLY A 180 8.52 14.81 14.33
N LEU A 181 8.71 16.12 14.40
CA LEU A 181 9.71 16.78 13.53
C LEU A 181 11.11 16.55 14.12
N SER A 182 11.95 15.80 13.41
CA SER A 182 13.30 15.54 13.96
C SER A 182 14.25 16.65 13.60
N GLU A 183 14.16 17.10 12.35
CA GLU A 183 15.04 18.17 11.86
C GLU A 183 14.49 18.68 10.56
N ALA A 184 14.80 19.94 10.25
CA ALA A 184 14.48 20.52 8.97
C ALA A 184 15.74 21.01 8.29
N TYR A 185 15.66 21.08 6.99
CA TYR A 185 16.78 21.47 6.15
C TYR A 185 16.38 22.61 5.24
N VAL A 186 17.23 23.63 5.21
CA VAL A 186 16.95 24.85 4.48
C VAL A 186 18.24 25.25 3.70
N ALA A 187 18.06 26.16 2.77
CA ALA A 187 19.19 26.78 2.08
C ALA A 187 19.28 28.16 2.70
N THR A 188 18.95 29.21 1.96
CA THR A 188 18.86 30.56 2.54
C THR A 188 17.46 31.11 2.41
N ALA A 189 17.26 32.29 2.98
CA ALA A 189 15.97 32.96 2.92
C ALA A 189 15.48 33.20 1.50
N ALA A 190 16.42 33.22 0.54
CA ALA A 190 16.08 33.46 -0.86
C ALA A 190 15.52 32.25 -1.61
N GLU A 191 15.70 31.05 -1.06
CA GLU A 191 15.18 29.81 -1.67
C GLU A 191 13.93 29.46 -0.86
N PRO A 192 12.79 29.33 -1.53
CA PRO A 192 11.52 29.27 -0.78
C PRO A 192 11.16 27.94 -0.18
N THR A 193 12.05 26.96 -0.21
CA THR A 193 11.70 25.61 0.19
C THR A 193 12.39 25.14 1.49
N VAL A 194 11.72 24.22 2.18
CA VAL A 194 12.23 23.56 3.38
C VAL A 194 11.97 22.08 3.17
N VAL A 195 12.91 21.25 3.58
CA VAL A 195 12.74 19.77 3.59
C VAL A 195 12.91 19.28 4.99
N ALA A 196 11.90 18.59 5.51
CA ALA A 196 11.94 18.18 6.90
C ALA A 196 11.79 16.70 7.02
N ALA A 197 12.48 16.14 8.02
CA ALA A 197 12.32 14.77 8.43
C ALA A 197 11.28 14.76 9.54
N VAL A 198 10.18 14.06 9.30
N VAL A 198 10.15 14.12 9.26
CA VAL A 198 9.05 14.11 10.20
CA VAL A 198 9.04 14.09 10.19
C VAL A 198 8.38 12.76 10.17
C VAL A 198 8.45 12.70 10.18
N ALA A 199 7.99 12.25 11.34
CA ALA A 199 7.31 10.96 11.43
C ALA A 199 6.45 10.93 12.66
N LEU A 200 5.38 10.15 12.59
CA LEU A 200 4.50 9.98 13.72
C LEU A 200 5.27 9.29 14.85
N PRO A 201 5.24 9.88 16.06
CA PRO A 201 5.96 9.19 17.14
C PRO A 201 5.51 7.75 17.34
N GLY A 202 6.48 6.89 17.66
CA GLY A 202 6.26 5.46 17.75
C GLY A 202 5.04 5.04 18.53
N PRO A 203 4.85 5.58 19.74
CA PRO A 203 3.72 5.18 20.57
C PRO A 203 2.31 5.45 19.98
N LEU A 204 2.22 6.30 18.96
CA LEU A 204 0.94 6.63 18.33
C LEU A 204 0.69 5.74 17.14
N ARG A 205 1.71 4.99 16.73
CA ARG A 205 1.61 4.22 15.50
C ARG A 205 0.55 3.12 15.58
N SER A 206 0.28 2.62 16.78
CA SER A 206 -0.75 1.61 16.94
C SER A 206 -2.13 2.19 16.65
N GLY A 207 -2.35 3.44 17.04
CA GLY A 207 -3.67 4.05 16.97
C GLY A 207 -3.94 4.90 15.74
N GLN A 208 -3.07 4.82 14.73
CA GLN A 208 -3.27 5.64 13.52
C GLN A 208 -4.21 4.95 12.54
N ARG A 209 -4.71 3.77 12.94
CA ARG A 209 -5.75 3.05 12.21
C ARG A 209 -7.04 3.86 12.20
N GLY A 210 -7.49 4.16 10.99
CA GLY A 210 -8.72 4.90 10.83
C GLY A 210 -8.43 6.33 10.47
N TYR A 211 -7.20 6.82 10.65
CA TYR A 211 -6.96 8.18 10.26
C TYR A 211 -6.56 8.28 8.78
N THR A 212 -7.06 9.29 8.07
CA THR A 212 -6.50 9.61 6.75
C THR A 212 -5.08 10.15 6.96
N VAL A 213 -4.94 11.09 7.88
CA VAL A 213 -3.62 11.52 8.37
C VAL A 213 -3.71 11.81 9.86
N HIS A 214 -2.80 11.23 10.60
CA HIS A 214 -2.81 11.45 12.04
C HIS A 214 -2.56 12.92 12.33
N PRO A 215 -3.45 13.61 13.06
CA PRO A 215 -3.24 15.04 13.32
C PRO A 215 -1.89 15.37 13.94
N ALA A 216 -1.30 14.48 14.74
CA ALA A 216 -0.02 14.81 15.38
C ALA A 216 1.10 14.79 14.34
N LEU A 217 0.96 13.97 13.31
CA LEU A 217 1.94 13.96 12.22
C LEU A 217 1.74 15.21 11.38
N LEU A 218 0.53 15.50 10.99
CA LEU A 218 0.27 16.66 10.14
C LEU A 218 0.72 17.94 10.85
N ASP A 219 0.49 18.06 12.15
CA ASP A 219 0.93 19.24 12.88
C ASP A 219 2.44 19.38 12.83
N ALA A 220 3.17 18.27 13.00
CA ALA A 220 4.63 18.32 12.95
C ALA A 220 5.06 18.82 11.56
N CYS A 221 4.33 18.45 10.51
CA CYS A 221 4.63 18.99 9.18
C CYS A 221 4.40 20.52 9.13
N PHE A 222 3.30 21.00 9.69
CA PHE A 222 3.01 22.43 9.75
C PHE A 222 4.14 23.14 10.50
N GLN A 223 4.62 22.54 11.57
CA GLN A 223 5.72 23.17 12.36
C GLN A 223 6.92 23.39 11.48
N SER A 224 7.19 22.45 10.58
CA SER A 224 8.45 22.50 9.81
C SER A 224 8.51 23.74 8.94
N VAL A 225 7.37 24.31 8.58
CA VAL A 225 7.31 25.51 7.76
C VAL A 225 8.04 26.66 8.47
N ILE A 226 7.92 26.70 9.79
CA ILE A 226 8.47 27.80 10.57
C ILE A 226 9.99 27.77 10.61
N ALA A 227 10.60 26.64 10.26
CA ALA A 227 12.07 26.56 10.18
C ALA A 227 12.63 27.37 9.03
N HIS A 228 11.78 27.78 8.09
CA HIS A 228 12.30 28.48 6.93
C HIS A 228 12.92 29.83 7.34
N PRO A 229 14.10 30.14 6.80
CA PRO A 229 14.74 31.39 7.24
C PRO A 229 13.96 32.67 6.95
N GLU A 230 13.22 32.72 5.85
CA GLU A 230 12.39 33.90 5.56
C GLU A 230 11.34 34.04 6.65
N VAL A 231 10.71 32.94 7.03
CA VAL A 231 9.72 32.99 8.08
C VAL A 231 10.35 33.44 9.40
N GLN A 232 11.51 32.87 9.74
CA GLN A 232 12.17 33.25 10.96
C GLN A 232 12.47 34.74 10.97
N ASN A 233 12.89 35.27 9.82
CA ASN A 233 13.31 36.67 9.78
C ASN A 233 12.20 37.70 9.92
N ILE A 234 11.01 37.37 9.39
N ILE A 234 10.99 37.32 9.58
CA ILE A 234 9.90 38.35 9.20
CA ILE A 234 9.85 38.17 9.87
C ILE A 234 8.59 38.05 9.92
C ILE A 234 9.61 38.29 11.38
N ALA A 235 8.17 36.79 9.97
N ALA A 235 9.96 37.26 12.14
CA ALA A 235 6.90 36.48 10.58
CA ALA A 235 9.95 37.34 13.60
C ALA A 235 7.13 36.23 12.05
C ALA A 235 8.53 37.55 14.09
N SER A 236 7.01 37.33 12.81
N SER A 236 7.63 36.77 13.53
CA SER A 236 7.28 37.36 14.23
CA SER A 236 6.21 37.07 13.63
C SER A 236 6.05 37.09 15.10
C SER A 236 5.66 36.92 15.04
N GLY A 237 6.18 36.00 15.84
CA GLY A 237 5.47 35.70 17.06
C GLY A 237 4.75 34.39 16.95
N MET A 238 3.59 34.33 17.56
CA MET A 238 2.86 33.08 17.58
C MET A 238 2.29 32.85 16.18
N LEU A 239 2.74 31.78 15.54
CA LEU A 239 2.20 31.37 14.26
C LEU A 239 1.46 30.09 14.49
N LEU A 240 0.16 30.14 14.28
CA LEU A 240 -0.65 28.94 14.36
C LEU A 240 -1.42 28.76 13.08
N PRO A 241 -1.76 27.52 12.75
CA PRO A 241 -2.57 27.28 11.56
C PRO A 241 -3.95 27.90 11.68
N LEU A 242 -4.40 28.54 10.60
CA LEU A 242 -5.69 29.20 10.54
C LEU A 242 -6.56 28.65 9.43
N GLY A 243 -5.96 27.94 8.48
CA GLY A 243 -6.71 27.39 7.36
C GLY A 243 -5.84 26.70 6.35
N VAL A 244 -6.46 26.01 5.41
CA VAL A 244 -5.77 25.35 4.32
C VAL A 244 -6.64 25.46 3.08
N ARG A 245 -6.12 25.97 1.98
CA ARG A 245 -6.92 26.19 0.78
CA ARG A 245 -6.92 26.19 0.78
C ARG A 245 -7.33 24.89 0.08
N ARG A 246 -6.41 23.93 0.05
CA ARG A 246 -6.66 22.65 -0.62
C ARG A 246 -5.91 21.52 0.10
N LEU A 247 -6.63 20.45 0.46
CA LEU A 247 -6.03 19.26 1.07
C LEU A 247 -6.45 18.05 0.27
N ARG A 248 -5.50 17.17 -0.04
CA ARG A 248 -5.85 15.93 -0.73
C ARG A 248 -4.88 14.84 -0.35
N ALA A 249 -5.42 13.69 0.04
CA ALA A 249 -4.65 12.51 0.32
C ALA A 249 -4.67 11.60 -0.89
N TYR A 250 -3.53 11.00 -1.19
CA TYR A 250 -3.37 10.16 -2.39
C TYR A 250 -3.21 8.70 -2.05
N GLY A 251 -2.95 8.44 -0.79
CA GLY A 251 -2.86 7.08 -0.29
C GLY A 251 -2.74 7.14 1.21
N SER A 252 -2.47 5.99 1.80
CA SER A 252 -2.17 5.91 3.21
C SER A 252 -1.03 6.85 3.53
N THR A 253 -1.10 7.47 4.71
CA THR A 253 0.01 8.31 5.17
C THR A 253 0.78 7.65 6.31
N ARG A 254 0.56 6.36 6.50
CA ARG A 254 1.22 5.61 7.56
CA ARG A 254 1.22 5.61 7.56
C ARG A 254 2.74 5.71 7.48
N ASN A 255 3.28 5.81 6.28
N ASN A 255 3.26 5.85 6.26
CA ASN A 255 4.71 5.73 6.07
CA ASN A 255 4.68 5.71 5.98
C ASN A 255 5.30 7.07 5.63
C ASN A 255 5.37 7.08 5.77
N VAL A 256 4.68 8.18 6.05
CA VAL A 256 5.29 9.51 5.84
C VAL A 256 6.58 9.63 6.66
N ARG A 257 7.63 10.10 5.99
N ARG A 257 7.64 10.10 6.01
CA ARG A 257 8.93 10.30 6.61
CA ARG A 257 8.91 10.35 6.67
C ARG A 257 9.55 11.65 6.29
C ARG A 257 9.43 11.76 6.42
N TYR A 258 8.97 12.39 5.34
CA TYR A 258 9.45 13.75 5.02
C TYR A 258 8.32 14.69 4.69
N CYS A 259 8.61 15.98 4.76
CA CYS A 259 7.69 17.01 4.34
C CYS A 259 8.47 18.05 3.57
N LEU A 260 8.07 18.26 2.33
CA LEU A 260 8.63 19.33 1.50
C LEU A 260 7.66 20.49 1.48
N SER A 261 8.10 21.68 1.89
CA SER A 261 7.22 22.83 1.92
CA SER A 261 7.24 22.85 1.98
C SER A 261 7.81 23.96 1.11
N ARG A 262 6.92 24.79 0.62
CA ARG A 262 7.29 25.97 -0.15
C ARG A 262 6.63 27.16 0.47
N ILE A 263 7.41 28.19 0.79
CA ILE A 263 6.83 29.42 1.26
C ILE A 263 6.28 30.22 0.10
N VAL A 264 4.98 30.45 0.10
CA VAL A 264 4.32 31.23 -0.95
C VAL A 264 4.26 32.73 -0.63
N LYS A 265 3.99 33.05 0.64
CA LYS A 265 3.94 34.41 1.15
C LYS A 265 4.42 34.40 2.56
N ALA A 266 5.18 35.42 2.93
CA ALA A 266 5.56 35.61 4.31
C ALA A 266 5.72 37.07 4.60
N ASP A 267 5.00 37.56 5.60
CA ASP A 267 5.14 38.93 6.04
C ASP A 267 4.93 39.01 7.56
N SER A 268 4.82 40.22 8.10
CA SER A 268 4.71 40.43 9.54
C SER A 268 3.49 39.78 10.14
N PHE A 269 2.52 39.47 9.29
CA PHE A 269 1.24 39.00 9.78
C PHE A 269 1.07 37.50 9.70
N GLY A 270 1.96 36.83 9.00
CA GLY A 270 1.75 35.40 8.81
C GLY A 270 2.41 34.84 7.57
N VAL A 271 2.05 33.63 7.24
CA VAL A 271 2.73 32.82 6.26
C VAL A 271 1.70 32.04 5.49
N GLU A 272 1.91 31.92 4.19
CA GLU A 272 1.18 30.99 3.35
C GLU A 272 2.18 30.00 2.78
N ALA A 273 1.89 28.71 2.86
CA ALA A 273 2.83 27.68 2.42
C ALA A 273 2.10 26.56 1.73
N ASP A 274 2.79 25.89 0.81
CA ASP A 274 2.31 24.65 0.21
C ASP A 274 3.19 23.50 0.71
N LEU A 275 2.58 22.36 1.06
CA LEU A 275 3.27 21.22 1.64
C LEU A 275 2.97 19.95 0.88
N GLU A 276 3.98 19.09 0.77
CA GLU A 276 3.82 17.70 0.32
C GLU A 276 4.42 16.76 1.34
N LEU A 277 3.59 15.84 1.85
CA LEU A 277 4.04 14.78 2.75
C LEU A 277 4.51 13.62 1.91
N LEU A 278 5.72 13.14 2.17
CA LEU A 278 6.39 12.15 1.33
C LEU A 278 6.73 10.93 2.12
N ASP A 279 6.69 9.74 1.49
CA ASP A 279 7.28 8.56 2.11
C ASP A 279 8.80 8.62 1.98
N ALA A 280 9.51 7.60 2.46
CA ALA A 280 10.98 7.71 2.44
C ALA A 280 11.55 7.53 1.04
N ASP A 281 10.73 7.11 0.06
CA ASP A 281 11.15 7.06 -1.32
C ASP A 281 10.86 8.33 -2.11
N GLY A 282 10.27 9.32 -1.44
CA GLY A 282 9.91 10.57 -2.09
C GLY A 282 8.54 10.62 -2.78
N THR A 283 7.72 9.58 -2.59
CA THR A 283 6.39 9.55 -3.16
C THR A 283 5.49 10.49 -2.39
N VAL A 284 4.69 11.26 -3.10
CA VAL A 284 3.82 12.22 -2.47
C VAL A 284 2.57 11.51 -1.99
N LEU A 285 2.32 11.60 -0.69
CA LEU A 285 1.16 10.90 -0.08
C LEU A 285 0.01 11.85 0.25
N LEU A 286 0.30 13.12 0.49
CA LEU A 286 -0.73 14.09 0.78
C LEU A 286 -0.21 15.46 0.37
N SER A 287 -1.10 16.30 -0.16
CA SER A 287 -0.83 17.70 -0.51
C SER A 287 -1.65 18.62 0.38
N ALA A 288 -1.05 19.69 0.91
CA ALA A 288 -1.78 20.73 1.61
C ALA A 288 -1.33 22.03 1.00
N MET A 289 -2.17 22.64 0.18
CA MET A 289 -1.81 23.85 -0.54
CA MET A 289 -1.80 23.87 -0.51
C MET A 289 -2.48 25.05 0.13
N GLY A 290 -1.73 26.13 0.28
CA GLY A 290 -2.30 27.29 0.89
C GLY A 290 -2.59 27.13 2.38
N LEU A 291 -1.72 26.42 3.09
CA LEU A 291 -1.67 26.51 4.55
C LEU A 291 -1.46 27.95 4.98
N GLN A 292 -2.32 28.45 5.85
N GLN A 292 -2.27 28.43 5.92
CA GLN A 292 -2.18 29.78 6.42
CA GLN A 292 -2.22 29.80 6.40
C GLN A 292 -1.77 29.65 7.86
C GLN A 292 -1.89 29.85 7.89
N LEU A 293 -0.71 30.39 8.23
CA LEU A 293 -0.28 30.49 9.59
C LEU A 293 -0.40 31.96 10.00
N GLY A 294 -0.85 32.23 11.22
CA GLY A 294 -1.00 33.58 11.70
C GLY A 294 -1.21 33.62 13.20
N THR A 295 -1.41 34.81 13.77
CA THR A 295 -1.54 34.91 15.21
C THR A 295 -2.85 34.33 15.71
N GLY A 296 -3.94 34.60 15.00
CA GLY A 296 -5.22 34.07 15.41
C GLY A 296 -5.78 34.81 16.62
N ASN A 297 -6.59 34.11 17.41
CA ASN A 297 -7.06 34.67 18.66
C ASN A 297 -6.82 33.72 19.84
N SER A 298 -5.66 33.88 20.48
CA SER A 298 -5.27 33.02 21.59
C SER A 298 -5.68 33.61 22.95
N ASP A 299 -6.60 34.57 22.92
CA ASP A 299 -7.01 35.29 24.12
C ASP A 299 -7.64 34.38 25.17
N LYS A 300 -8.36 33.35 24.72
CA LYS A 300 -8.97 32.42 25.67
C LYS A 300 -7.93 31.53 26.34
N ALA A 301 -6.90 31.14 25.59
CA ALA A 301 -5.81 30.34 26.17
C ALA A 301 -5.06 31.13 27.25
N GLU A 302 -4.95 32.44 27.07
CA GLU A 302 -4.35 33.31 28.08
C GLU A 302 -5.28 33.41 29.30
N VAL B 14 -13.36 -49.47 2.10
CA VAL B 14 -13.97 -48.14 1.93
C VAL B 14 -13.42 -47.45 0.68
N PRO B 15 -14.33 -47.00 -0.21
CA PRO B 15 -13.84 -46.37 -1.43
C PRO B 15 -13.22 -45.00 -1.19
N SER B 16 -12.38 -44.61 -2.13
CA SER B 16 -11.77 -43.31 -2.06
C SER B 16 -11.67 -42.72 -3.45
N VAL B 17 -11.37 -41.42 -3.51
N VAL B 17 -11.34 -41.43 -3.52
CA VAL B 17 -11.22 -40.74 -4.78
CA VAL B 17 -11.25 -40.72 -4.78
C VAL B 17 -9.93 -39.94 -4.70
C VAL B 17 -9.98 -39.87 -4.72
N SER B 18 -9.21 -39.85 -5.81
CA SER B 18 -8.01 -39.04 -5.84
C SER B 18 -8.44 -37.59 -5.88
N VAL B 19 -7.67 -36.73 -5.20
CA VAL B 19 -7.94 -35.30 -5.22
C VAL B 19 -6.66 -34.55 -5.50
N HIS B 20 -6.82 -33.36 -6.03
CA HIS B 20 -5.66 -32.50 -6.23
C HIS B 20 -5.27 -32.01 -4.84
N PRO B 21 -3.96 -31.91 -4.54
CA PRO B 21 -3.50 -31.54 -3.19
C PRO B 21 -3.99 -30.18 -2.69
N LEU B 22 -4.21 -29.23 -3.60
CA LEU B 22 -4.71 -27.90 -3.25
C LEU B 22 -6.18 -27.69 -3.52
N LEU B 23 -6.64 -28.13 -4.69
CA LEU B 23 -8.04 -27.88 -5.05
C LEU B 23 -8.96 -28.70 -4.14
N GLY B 24 -8.55 -29.89 -3.76
CA GLY B 24 -9.44 -30.71 -2.91
C GLY B 24 -10.64 -31.30 -3.62
N SER B 25 -11.71 -31.45 -2.85
CA SER B 25 -12.89 -32.18 -3.32
C SER B 25 -13.60 -31.43 -4.44
N HIS B 26 -13.99 -32.17 -5.47
CA HIS B 26 -14.50 -31.62 -6.71
C HIS B 26 -15.92 -32.10 -6.97
N VAL B 27 -16.81 -31.17 -7.28
CA VAL B 27 -18.13 -31.53 -7.79
C VAL B 27 -18.48 -30.67 -9.01
N VAL B 28 -19.39 -31.17 -9.82
CA VAL B 28 -20.03 -30.38 -10.84
C VAL B 28 -21.40 -29.96 -10.31
N LEU B 29 -21.79 -28.72 -10.49
CA LEU B 29 -23.05 -28.26 -9.91
C LEU B 29 -24.18 -28.84 -10.73
N PRO B 30 -25.34 -29.11 -10.10
CA PRO B 30 -26.49 -29.65 -10.83
C PRO B 30 -27.26 -28.57 -11.58
N GLN B 31 -26.62 -27.96 -12.57
CA GLN B 31 -27.26 -26.85 -13.27
C GLN B 31 -26.61 -26.60 -14.61
N GLU B 32 -27.22 -25.69 -15.38
CA GLU B 32 -26.69 -25.25 -16.66
C GLU B 32 -26.40 -23.76 -16.56
N PRO B 33 -25.31 -23.31 -17.19
CA PRO B 33 -24.35 -24.14 -17.93
C PRO B 33 -23.40 -24.87 -17.00
N GLU B 34 -22.46 -25.61 -17.59
CA GLU B 34 -21.55 -26.46 -16.85
C GLU B 34 -20.73 -25.61 -15.90
N GLU B 35 -20.73 -25.97 -14.63
CA GLU B 35 -19.95 -25.28 -13.63
C GLU B 35 -19.37 -26.22 -12.59
N HIS B 36 -18.09 -26.04 -12.28
CA HIS B 36 -17.36 -26.85 -11.36
C HIS B 36 -17.11 -26.09 -10.09
N LEU B 37 -17.03 -26.82 -8.98
CA LEU B 37 -16.72 -26.27 -7.66
C LEU B 37 -15.76 -27.23 -6.95
N TRP B 38 -14.65 -26.68 -6.44
CA TRP B 38 -13.75 -27.41 -5.57
C TRP B 38 -13.72 -26.75 -4.21
N GLN B 39 -13.61 -27.55 -3.16
CA GLN B 39 -13.35 -27.04 -1.81
C GLN B 39 -12.06 -27.63 -1.28
N GLY B 40 -11.06 -26.76 -1.09
CA GLY B 40 -9.78 -27.19 -0.56
C GLY B 40 -9.43 -26.51 0.75
N ASP B 41 -8.20 -26.74 1.21
CA ASP B 41 -7.70 -26.14 2.44
C ASP B 41 -6.24 -25.83 2.20
N VAL B 42 -5.91 -24.54 2.23
CA VAL B 42 -4.52 -24.12 2.01
C VAL B 42 -3.90 -23.65 3.31
N GLY B 43 -4.47 -24.09 4.43
CA GLY B 43 -3.92 -23.77 5.73
C GLY B 43 -2.62 -24.49 6.00
N THR B 44 -1.85 -23.98 6.97
CA THR B 44 -0.54 -24.54 7.23
C THR B 44 -0.55 -25.91 7.92
N GLU B 45 -1.69 -26.28 8.49
CA GLU B 45 -1.79 -27.63 9.02
C GLU B 45 -1.91 -28.66 7.88
N ALA B 46 -2.71 -28.34 6.88
CA ALA B 46 -2.86 -29.20 5.70
C ALA B 46 -1.59 -29.24 4.86
N HIS B 47 -0.89 -28.09 4.80
CA HIS B 47 0.30 -27.91 3.97
C HIS B 47 1.37 -27.16 4.75
N PRO B 48 2.12 -27.88 5.57
CA PRO B 48 3.13 -27.26 6.42
C PRO B 48 4.13 -26.42 5.60
N TRP B 49 4.40 -26.82 4.37
CA TRP B 49 5.38 -26.10 3.53
C TRP B 49 4.92 -24.67 3.24
N LEU B 50 3.64 -24.38 3.32
CA LEU B 50 3.16 -23.03 3.09
C LEU B 50 3.56 -22.06 4.22
N SER B 51 3.99 -22.61 5.34
CA SER B 51 4.52 -21.79 6.43
C SER B 51 5.81 -21.07 5.99
N ASP B 52 6.40 -21.53 4.89
CA ASP B 52 7.73 -21.04 4.47
C ASP B 52 7.67 -19.94 3.42
N HIS B 53 6.47 -19.41 3.17
CA HIS B 53 6.29 -18.23 2.32
C HIS B 53 5.63 -17.14 3.14
N ARG B 54 6.42 -16.16 3.59
CA ARG B 54 5.95 -15.17 4.53
C ARG B 54 6.16 -13.76 4.04
N VAL B 55 5.24 -12.87 4.41
CA VAL B 55 5.34 -11.46 4.16
C VAL B 55 5.26 -10.79 5.51
N HIS B 56 6.27 -10.02 5.87
CA HIS B 56 6.38 -9.46 7.21
C HIS B 56 6.09 -10.51 8.31
N GLN B 57 6.73 -11.66 8.16
CA GLN B 57 6.66 -12.77 9.12
C GLN B 57 5.28 -13.39 9.31
N VAL B 58 4.36 -13.13 8.39
CA VAL B 58 3.03 -13.76 8.37
C VAL B 58 2.98 -14.68 7.17
N ALA B 59 2.53 -15.92 7.35
CA ALA B 59 2.36 -16.84 6.22
C ALA B 59 1.25 -16.30 5.31
N VAL B 60 1.54 -16.17 4.02
N VAL B 60 1.55 -16.25 4.01
CA VAL B 60 0.52 -15.76 3.08
CA VAL B 60 0.66 -15.69 3.01
C VAL B 60 0.65 -16.60 1.82
C VAL B 60 0.67 -16.63 1.82
N LEU B 61 -0.48 -16.91 1.20
CA LEU B 61 -0.48 -17.77 0.05
C LEU B 61 0.30 -17.12 -1.11
N PRO B 62 1.26 -17.84 -1.68
CA PRO B 62 1.99 -17.26 -2.82
C PRO B 62 1.16 -17.25 -4.06
N GLY B 63 1.36 -16.25 -4.93
CA GLY B 63 0.72 -16.25 -6.23
C GLY B 63 0.88 -17.53 -7.03
N ALA B 64 2.02 -18.18 -6.89
CA ALA B 64 2.32 -19.43 -7.57
C ALA B 64 1.25 -20.49 -7.24
N ALA B 65 0.66 -20.42 -6.06
CA ALA B 65 -0.39 -21.40 -5.72
C ALA B 65 -1.63 -21.19 -6.56
N TYR B 66 -2.04 -19.94 -6.77
CA TYR B 66 -3.16 -19.67 -7.67
C TYR B 66 -2.88 -20.15 -9.08
N CYS B 67 -1.64 -20.00 -9.54
CA CYS B 67 -1.27 -20.50 -10.85
C CYS B 67 -1.48 -22.00 -10.99
N GLU B 68 -1.06 -22.74 -9.96
CA GLU B 68 -1.28 -24.19 -9.94
C GLU B 68 -2.79 -24.52 -9.89
N MET B 69 -3.55 -23.78 -9.11
CA MET B 69 -5.00 -24.07 -9.02
C MET B 69 -5.64 -23.91 -10.39
N ALA B 70 -5.26 -22.85 -11.10
CA ALA B 70 -5.81 -22.60 -12.42
C ALA B 70 -5.37 -23.66 -13.41
N LEU B 71 -4.07 -24.00 -13.44
CA LEU B 71 -3.56 -25.02 -14.35
C LEU B 71 -4.24 -26.37 -14.13
N ALA B 72 -4.45 -26.68 -12.85
CA ALA B 72 -5.04 -27.95 -12.45
C ALA B 72 -6.49 -28.00 -12.82
N ALA B 73 -7.13 -26.84 -12.95
CA ALA B 73 -8.56 -26.84 -13.26
C ALA B 73 -8.86 -27.03 -14.75
N VAL B 74 -7.91 -26.74 -15.63
CA VAL B 74 -8.16 -26.78 -17.06
C VAL B 74 -8.70 -28.12 -17.54
N THR B 75 -8.01 -29.20 -17.22
CA THR B 75 -8.35 -30.49 -17.79
C THR B 75 -9.73 -30.96 -17.35
N PRO B 76 -10.02 -30.93 -16.03
CA PRO B 76 -11.37 -31.41 -15.68
C PRO B 76 -12.49 -30.61 -16.33
N VAL B 77 -12.27 -29.33 -16.60
CA VAL B 77 -13.32 -28.46 -17.09
C VAL B 77 -13.38 -28.52 -18.60
N LEU B 78 -12.21 -28.46 -19.24
CA LEU B 78 -12.14 -28.36 -20.69
C LEU B 78 -11.57 -29.62 -21.31
N GLY B 79 -11.75 -30.74 -20.61
CA GLY B 79 -11.64 -32.05 -21.20
C GLY B 79 -10.29 -32.47 -21.74
N ASP B 80 -9.34 -31.55 -21.86
CA ASP B 80 -8.07 -31.90 -22.47
C ASP B 80 -6.97 -30.92 -22.11
N THR B 81 -5.96 -30.89 -22.96
CA THR B 81 -4.89 -29.94 -22.87
C THR B 81 -5.41 -28.53 -23.17
N GLY B 82 -4.95 -27.56 -22.40
CA GLY B 82 -5.41 -26.19 -22.52
C GLY B 82 -4.43 -25.26 -21.84
N GLU B 83 -4.87 -24.06 -21.55
CA GLU B 83 -3.97 -23.06 -20.95
C GLU B 83 -4.79 -22.06 -20.17
N VAL B 84 -4.11 -21.21 -19.41
CA VAL B 84 -4.76 -20.23 -18.55
C VAL B 84 -4.44 -18.86 -19.07
N HIS B 85 -5.45 -18.00 -19.15
CA HIS B 85 -5.31 -16.61 -19.58
C HIS B 85 -5.65 -15.61 -18.49
N ASP B 86 -4.84 -14.54 -18.42
CA ASP B 86 -5.21 -13.37 -17.64
C ASP B 86 -5.51 -13.66 -16.17
N LEU B 87 -4.64 -14.46 -15.57
CA LEU B 87 -4.71 -14.74 -14.16
C LEU B 87 -4.26 -13.54 -13.36
N LYS B 88 -5.09 -13.15 -12.39
N LYS B 88 -5.08 -13.14 -12.38
CA LYS B 88 -4.85 -11.98 -11.55
CA LYS B 88 -4.85 -11.98 -11.56
C LYS B 88 -5.05 -12.38 -10.10
C LYS B 88 -5.05 -12.37 -10.10
N PHE B 89 -4.20 -11.87 -9.22
CA PHE B 89 -4.28 -12.11 -7.79
C PHE B 89 -4.78 -10.86 -7.10
N HIS B 90 -5.76 -11.03 -6.22
CA HIS B 90 -6.42 -9.90 -5.58
C HIS B 90 -5.88 -9.75 -4.17
N ASP B 91 -6.72 -9.51 -3.15
CA ASP B 91 -6.18 -9.28 -1.82
C ASP B 91 -5.36 -10.49 -1.35
N MET B 92 -4.15 -10.24 -0.86
CA MET B 92 -3.31 -11.35 -0.43
C MET B 92 -3.95 -12.11 0.72
N LEU B 93 -3.75 -13.42 0.70
CA LEU B 93 -4.47 -14.33 1.59
C LEU B 93 -3.58 -14.73 2.74
N LEU B 94 -3.93 -14.28 3.94
CA LEU B 94 -3.20 -14.68 5.12
C LEU B 94 -3.64 -16.08 5.53
N LEU B 95 -2.67 -16.93 5.85
CA LEU B 95 -2.96 -18.34 6.15
C LEU B 95 -3.08 -18.61 7.64
N ASP B 96 -4.00 -19.52 7.98
CA ASP B 96 -4.15 -20.03 9.34
C ASP B 96 -3.90 -21.54 9.35
N ASP B 97 -4.13 -22.20 10.49
CA ASP B 97 -3.93 -23.64 10.52
C ASP B 97 -4.82 -24.30 9.47
N ALA B 98 -6.05 -23.79 9.37
CA ALA B 98 -7.00 -24.20 8.35
C ALA B 98 -7.47 -22.96 7.63
N THR B 99 -7.32 -23.00 6.30
CA THR B 99 -7.77 -21.92 5.45
C THR B 99 -8.58 -22.45 4.27
N PRO B 100 -9.90 -22.59 4.45
CA PRO B 100 -10.69 -23.10 3.32
C PRO B 100 -10.67 -22.18 2.11
N VAL B 101 -10.61 -22.79 0.93
N VAL B 101 -10.65 -22.79 0.93
CA VAL B 101 -10.70 -22.05 -0.32
CA VAL B 101 -10.69 -22.05 -0.32
C VAL B 101 -11.66 -22.77 -1.24
C VAL B 101 -11.56 -22.77 -1.33
N TRP B 102 -12.40 -21.99 -1.99
CA TRP B 102 -13.31 -22.51 -2.99
C TRP B 102 -12.88 -22.03 -4.36
N VAL B 103 -12.77 -22.99 -5.27
CA VAL B 103 -12.38 -22.72 -6.64
C VAL B 103 -13.56 -23.03 -7.54
N SER B 104 -13.84 -22.12 -8.45
CA SER B 104 -14.96 -22.25 -9.36
C SER B 104 -14.55 -22.10 -10.82
N ALA B 105 -15.22 -22.81 -11.70
CA ALA B 105 -14.97 -22.69 -13.13
C ALA B 105 -16.27 -22.87 -13.88
N ALA B 106 -16.68 -21.86 -14.62
CA ALA B 106 -17.98 -21.87 -15.29
C ALA B 106 -17.75 -21.76 -16.80
N VAL B 107 -18.24 -22.73 -17.55
CA VAL B 107 -18.06 -22.72 -18.99
C VAL B 107 -19.00 -21.67 -19.59
N THR B 108 -18.42 -20.74 -20.37
CA THR B 108 -19.18 -19.64 -20.96
C THR B 108 -19.36 -19.89 -22.45
N ALA B 109 -18.47 -20.70 -23.02
CA ALA B 109 -18.59 -21.13 -24.41
C ALA B 109 -17.73 -22.36 -24.59
N PRO B 110 -17.87 -23.05 -25.73
CA PRO B 110 -16.96 -24.17 -25.98
C PRO B 110 -15.47 -23.78 -25.85
N GLY B 111 -14.77 -24.54 -25.01
CA GLY B 111 -13.33 -24.33 -24.86
C GLY B 111 -12.96 -23.13 -24.01
N THR B 112 -13.95 -22.52 -23.34
CA THR B 112 -13.65 -21.36 -22.49
C THR B 112 -14.42 -21.38 -21.19
N ALA B 113 -13.75 -21.03 -20.10
CA ALA B 113 -14.40 -20.99 -18.80
C ALA B 113 -13.86 -19.88 -17.94
N GLU B 114 -14.73 -19.27 -17.15
CA GLU B 114 -14.30 -18.28 -16.16
C GLU B 114 -13.89 -18.98 -14.87
N PHE B 115 -12.77 -18.58 -14.31
CA PHE B 115 -12.12 -19.25 -13.21
C PHE B 115 -12.06 -18.27 -12.07
N GLY B 116 -12.36 -18.75 -10.87
CA GLY B 116 -12.26 -17.92 -9.70
C GLY B 116 -11.81 -18.69 -8.46
N VAL B 117 -11.19 -17.98 -7.54
CA VAL B 117 -10.80 -18.49 -6.23
C VAL B 117 -11.30 -17.52 -5.17
N GLU B 118 -12.00 -18.06 -4.16
CA GLU B 118 -12.55 -17.21 -3.11
C GLU B 118 -12.43 -17.85 -1.74
N THR B 119 -12.40 -16.99 -0.73
CA THR B 119 -12.48 -17.44 0.66
C THR B 119 -13.73 -16.84 1.26
N HIS B 120 -14.17 -17.41 2.39
N HIS B 120 -14.21 -17.45 2.35
CA HIS B 120 -15.42 -17.04 3.07
CA HIS B 120 -15.50 -17.11 2.95
C HIS B 120 -16.61 -16.86 2.12
C HIS B 120 -15.45 -17.27 4.46
N ARG B 125 -17.26 -13.15 2.01
N ARG B 125 -17.39 -13.00 1.96
CA ARG B 125 -16.70 -13.62 0.75
CA ARG B 125 -16.63 -13.64 0.87
C ARG B 125 -15.68 -12.64 0.15
C ARG B 125 -15.69 -12.67 0.13
N THR B 126 -14.46 -13.13 -0.09
CA THR B 126 -13.42 -12.33 -0.71
C THR B 126 -12.83 -13.07 -1.90
N GLN B 127 -12.84 -12.41 -3.06
CA GLN B 127 -12.21 -12.94 -4.26
C GLN B 127 -10.68 -12.87 -4.12
N ARG B 128 -10.03 -13.98 -4.44
CA ARG B 128 -8.59 -14.08 -4.28
C ARG B 128 -7.88 -14.16 -5.61
N ALA B 129 -8.50 -14.76 -6.62
CA ALA B 129 -7.92 -14.82 -7.94
C ALA B 129 -9.00 -14.94 -9.00
N THR B 130 -8.72 -14.48 -10.21
CA THR B 130 -9.57 -14.67 -11.36
C THR B 130 -8.77 -15.00 -12.60
N ALA B 131 -9.32 -15.79 -13.50
CA ALA B 131 -8.67 -16.10 -14.77
C ALA B 131 -9.67 -16.61 -15.76
N VAL B 132 -9.21 -16.87 -16.97
CA VAL B 132 -10.01 -17.54 -17.99
C VAL B 132 -9.25 -18.79 -18.41
N LEU B 133 -9.95 -19.92 -18.47
CA LEU B 133 -9.36 -21.18 -18.89
C LEU B 133 -9.72 -21.39 -20.35
N ARG B 134 -8.77 -21.86 -21.16
CA ARG B 134 -9.00 -22.06 -22.58
C ARG B 134 -8.57 -23.45 -22.98
N GLY B 135 -9.42 -24.16 -23.74
CA GLY B 135 -9.09 -25.53 -24.13
C GLY B 135 -8.91 -25.68 -25.62
N ASP B 136 -9.16 -24.59 -26.35
CA ASP B 136 -9.22 -24.64 -27.81
C ASP B 136 -8.07 -23.87 -28.46
N VAL B 137 -6.93 -23.82 -27.76
CA VAL B 137 -5.73 -23.19 -28.28
C VAL B 137 -4.68 -24.25 -28.58
N ASP B 138 -4.51 -24.55 -29.86
CA ASP B 138 -3.54 -25.55 -30.29
C ASP B 138 -2.16 -24.92 -30.34
N ALA B 139 -1.71 -24.41 -29.20
CA ALA B 139 -0.39 -23.81 -29.10
C ALA B 139 0.68 -24.87 -29.34
N GLU B 140 1.80 -24.45 -29.90
CA GLU B 140 2.92 -25.34 -30.12
C GLU B 140 3.92 -25.18 -28.98
N ARG B 141 4.47 -26.30 -28.54
CA ARG B 141 5.48 -26.30 -27.50
C ARG B 141 6.71 -25.54 -28.00
N PRO B 142 7.22 -24.57 -27.21
CA PRO B 142 8.41 -23.84 -27.65
C PRO B 142 9.60 -24.76 -27.81
N ALA B 143 10.48 -24.40 -28.73
CA ALA B 143 11.66 -25.22 -28.97
C ALA B 143 12.52 -25.32 -27.72
N ALA B 144 13.17 -26.46 -27.57
CA ALA B 144 14.08 -26.68 -26.45
C ALA B 144 15.34 -25.79 -26.55
N HIS B 145 15.99 -25.59 -25.41
CA HIS B 145 17.21 -24.79 -25.31
C HIS B 145 18.41 -25.69 -25.01
N SER B 146 19.60 -25.23 -25.36
CA SER B 146 20.82 -25.87 -24.87
C SER B 146 21.19 -25.23 -23.55
N ILE B 147 21.08 -26.00 -22.47
CA ILE B 147 21.44 -25.49 -21.17
C ILE B 147 22.88 -24.96 -21.14
N ASP B 148 23.81 -25.72 -21.69
CA ASP B 148 25.22 -25.31 -21.72
C ASP B 148 25.40 -23.96 -22.42
N ALA B 149 24.72 -23.76 -23.55
CA ALA B 149 24.82 -22.50 -24.26
C ALA B 149 24.17 -21.36 -23.48
N LEU B 150 23.06 -21.63 -22.80
CA LEU B 150 22.45 -20.59 -21.96
C LEU B 150 23.43 -20.18 -20.85
N LEU B 151 24.00 -21.17 -20.16
CA LEU B 151 24.92 -20.85 -19.07
C LEU B 151 26.19 -20.12 -19.54
N ALA B 152 26.74 -20.51 -20.69
CA ALA B 152 27.93 -19.84 -21.21
C ALA B 152 27.67 -18.37 -21.48
N ALA B 153 26.44 -18.05 -21.88
CA ALA B 153 26.11 -16.66 -22.23
C ALA B 153 25.74 -15.80 -21.02
N HIS B 154 25.60 -16.41 -19.84
CA HIS B 154 25.22 -15.67 -18.64
C HIS B 154 26.27 -15.96 -17.57
N PRO B 155 27.41 -15.30 -17.64
CA PRO B 155 28.57 -15.73 -16.86
C PRO B 155 28.54 -15.28 -15.41
N ASN B 156 27.63 -14.39 -15.05
CA ASN B 156 27.71 -13.74 -13.74
C ASN B 156 26.73 -14.43 -12.78
N ARG B 157 27.29 -15.11 -11.78
CA ARG B 157 26.47 -15.85 -10.82
C ARG B 157 25.91 -15.00 -9.71
N VAL B 158 24.64 -15.24 -9.41
CA VAL B 158 23.99 -14.65 -8.26
C VAL B 158 23.54 -15.80 -7.38
N ASP B 159 24.07 -15.84 -6.18
CA ASP B 159 23.80 -16.92 -5.25
C ASP B 159 22.36 -16.83 -4.71
N GLY B 160 21.67 -17.97 -4.69
CA GLY B 160 20.30 -18.04 -4.16
C GLY B 160 20.16 -17.55 -2.74
N ASP B 161 21.09 -17.93 -1.87
CA ASP B 161 21.03 -17.48 -0.48
C ASP B 161 21.17 -15.95 -0.40
N GLU B 162 22.05 -15.38 -1.21
N GLU B 162 22.05 -15.39 -1.22
CA GLU B 162 22.22 -13.94 -1.21
CA GLU B 162 22.23 -13.95 -1.24
C GLU B 162 20.95 -13.27 -1.76
C GLU B 162 20.98 -13.25 -1.78
N LEU B 163 20.36 -13.85 -2.79
CA LEU B 163 19.14 -13.28 -3.33
C LEU B 163 18.04 -13.27 -2.28
N ARG B 164 17.85 -14.42 -1.62
CA ARG B 164 16.84 -14.53 -0.56
C ARG B 164 17.14 -13.60 0.62
N ALA B 165 18.42 -13.35 0.92
CA ALA B 165 18.78 -12.44 2.00
C ALA B 165 18.29 -11.03 1.61
N GLY B 166 18.42 -10.69 0.33
CA GLY B 166 17.92 -9.43 -0.18
C GLY B 166 16.41 -9.31 -0.02
N PHE B 167 15.70 -10.38 -0.39
CA PHE B 167 14.25 -10.39 -0.22
C PHE B 167 13.86 -10.14 1.24
N GLY B 168 14.66 -10.71 2.14
CA GLY B 168 14.43 -10.54 3.56
C GLY B 168 14.46 -9.10 3.99
N THR B 169 15.33 -8.31 3.37
CA THR B 169 15.50 -6.94 3.79
C THR B 169 14.24 -6.13 3.54
N VAL B 170 13.35 -6.60 2.66
CA VAL B 170 12.13 -5.86 2.37
C VAL B 170 10.90 -6.65 2.86
N GLY B 171 11.14 -7.66 3.69
CA GLY B 171 10.07 -8.33 4.42
C GLY B 171 9.55 -9.60 3.81
N ILE B 172 10.18 -10.08 2.75
N ILE B 172 10.16 -10.09 2.75
CA ILE B 172 9.77 -11.32 2.12
CA ILE B 172 9.73 -11.35 2.13
C ILE B 172 10.63 -12.44 2.68
C ILE B 172 10.61 -12.48 2.61
N GLY B 173 9.98 -13.42 3.33
CA GLY B 173 10.71 -14.50 3.95
C GLY B 173 10.43 -15.85 3.32
N HIS B 174 11.43 -16.40 2.68
CA HIS B 174 11.35 -17.71 2.05
C HIS B 174 12.12 -18.71 2.91
N GLY B 175 11.39 -19.65 3.50
CA GLY B 175 12.00 -20.73 4.26
C GLY B 175 12.40 -21.89 3.36
N ALA B 176 12.78 -23.01 3.96
CA ALA B 176 13.35 -24.13 3.22
C ALA B 176 12.51 -24.57 2.01
N ALA B 177 11.18 -24.68 2.17
CA ALA B 177 10.34 -25.15 1.07
C ALA B 177 10.44 -24.24 -0.15
N PHE B 178 10.68 -22.94 0.09
CA PHE B 178 10.73 -21.95 -0.99
C PHE B 178 12.15 -21.54 -1.36
N ALA B 179 13.10 -22.39 -0.98
CA ALA B 179 14.52 -22.12 -1.22
C ALA B 179 15.08 -22.89 -2.41
N GLY B 180 14.22 -23.22 -3.36
CA GLY B 180 14.62 -24.05 -4.49
C GLY B 180 15.52 -23.37 -5.52
N LEU B 181 15.63 -22.05 -5.50
CA LEU B 181 16.56 -21.35 -6.40
C LEU B 181 17.99 -21.51 -5.86
N SER B 182 18.81 -22.30 -6.52
CA SER B 182 20.20 -22.48 -6.05
C SER B 182 21.07 -21.31 -6.47
N GLU B 183 20.99 -20.92 -7.73
CA GLU B 183 21.66 -19.73 -8.20
C GLU B 183 21.07 -19.27 -9.52
N ALA B 184 21.23 -17.98 -9.79
CA ALA B 184 20.85 -17.42 -11.07
C ALA B 184 22.08 -16.89 -11.77
N TYR B 185 22.00 -16.89 -13.08
CA TYR B 185 23.07 -16.44 -13.93
C TYR B 185 22.58 -15.33 -14.83
N VAL B 186 23.37 -14.25 -14.90
CA VAL B 186 23.01 -13.09 -15.69
C VAL B 186 24.22 -12.66 -16.51
N ALA B 187 23.97 -11.81 -17.49
CA ALA B 187 25.05 -11.16 -18.24
C ALA B 187 25.09 -9.74 -17.70
N THR B 188 24.65 -8.74 -18.47
CA THR B 188 24.51 -7.38 -17.96
C THR B 188 23.08 -6.89 -18.09
N ALA B 189 22.80 -5.70 -17.58
CA ALA B 189 21.47 -5.10 -17.71
C ALA B 189 21.00 -4.98 -19.16
N ALA B 190 21.95 -4.97 -20.09
CA ALA B 190 21.62 -4.81 -21.49
C ALA B 190 21.10 -6.09 -22.14
N GLU B 191 21.32 -7.24 -21.49
CA GLU B 191 20.82 -8.51 -22.00
C GLU B 191 19.59 -8.85 -21.15
N PRO B 192 18.43 -9.01 -21.78
CA PRO B 192 17.20 -9.11 -20.95
C PRO B 192 16.91 -10.47 -20.31
N THR B 193 17.88 -11.38 -20.29
CA THR B 193 17.61 -12.72 -19.82
C THR B 193 18.34 -13.09 -18.55
N VAL B 194 17.75 -14.04 -17.83
CA VAL B 194 18.30 -14.64 -16.64
C VAL B 194 18.12 -16.15 -16.84
N VAL B 195 19.16 -16.91 -16.50
CA VAL B 195 19.08 -18.38 -16.47
C VAL B 195 19.28 -18.83 -15.04
N ALA B 196 18.27 -19.48 -14.47
CA ALA B 196 18.33 -19.88 -13.08
C ALA B 196 18.40 -21.39 -12.94
N ALA B 197 19.15 -21.85 -11.95
CA ALA B 197 19.17 -23.26 -11.55
C ALA B 197 18.18 -23.37 -10.41
N VAL B 198 17.12 -24.14 -10.60
CA VAL B 198 16.03 -24.12 -9.64
C VAL B 198 15.43 -25.50 -9.66
N ALA B 199 15.22 -26.07 -8.49
CA ALA B 199 14.66 -27.41 -8.37
C ALA B 199 13.77 -27.50 -7.14
N LEU B 200 12.74 -28.33 -7.19
CA LEU B 200 11.87 -28.47 -6.05
C LEU B 200 12.71 -29.14 -4.95
N PRO B 201 12.74 -28.57 -3.73
CA PRO B 201 13.50 -29.22 -2.66
C PRO B 201 13.09 -30.69 -2.45
N GLY B 202 14.07 -31.55 -2.16
CA GLY B 202 13.88 -32.98 -2.03
C GLY B 202 12.67 -33.45 -1.22
N PRO B 203 12.51 -32.91 0.00
CA PRO B 203 11.40 -33.30 0.89
C PRO B 203 10.01 -33.13 0.27
N LEU B 204 9.88 -32.26 -0.71
CA LEU B 204 8.59 -32.02 -1.33
C LEU B 204 8.39 -32.90 -2.55
N ARG B 205 9.43 -33.63 -2.96
CA ARG B 205 9.37 -34.37 -4.22
CA ARG B 205 9.38 -34.38 -4.22
C ARG B 205 8.49 -35.61 -4.12
N SER B 206 8.22 -36.07 -2.91
CA SER B 206 7.28 -37.18 -2.72
C SER B 206 5.82 -36.69 -2.79
N GLY B 207 5.59 -35.40 -2.50
CA GLY B 207 4.26 -34.83 -2.64
C GLY B 207 3.97 -34.24 -4.03
N GLN B 208 4.99 -34.22 -4.90
CA GLN B 208 4.93 -33.54 -6.21
C GLN B 208 3.86 -34.18 -7.11
N ARG B 209 3.57 -35.44 -6.81
CA ARG B 209 2.51 -36.19 -7.45
C ARG B 209 1.18 -35.48 -7.26
N GLY B 210 0.53 -35.22 -8.38
CA GLY B 210 -0.77 -34.59 -8.36
C GLY B 210 -0.70 -33.15 -8.80
N TYR B 211 0.48 -32.53 -8.69
CA TYR B 211 0.59 -31.14 -9.13
C TYR B 211 0.96 -31.01 -10.62
N THR B 212 0.36 -30.03 -11.30
CA THR B 212 0.83 -29.68 -12.64
C THR B 212 2.22 -29.01 -12.47
N VAL B 213 2.30 -28.09 -11.52
CA VAL B 213 3.58 -27.54 -11.08
C VAL B 213 3.49 -27.27 -9.59
N HIS B 214 4.48 -27.74 -8.84
CA HIS B 214 4.47 -27.51 -7.39
C HIS B 214 4.63 -26.01 -7.15
N PRO B 215 3.74 -25.37 -6.40
CA PRO B 215 3.85 -23.92 -6.19
C PRO B 215 5.18 -23.48 -5.61
N ALA B 216 5.83 -24.32 -4.79
CA ALA B 216 7.12 -23.92 -4.22
C ALA B 216 8.18 -23.84 -5.32
N LEU B 217 8.04 -24.67 -6.35
CA LEU B 217 9.00 -24.62 -7.47
C LEU B 217 8.73 -23.41 -8.31
N LEU B 218 7.48 -23.16 -8.63
CA LEU B 218 7.13 -22.05 -9.49
C LEU B 218 7.52 -20.75 -8.80
N ASP B 219 7.30 -20.64 -7.50
CA ASP B 219 7.66 -19.41 -6.80
C ASP B 219 9.16 -19.17 -6.89
N ALA B 220 9.96 -20.23 -6.75
CA ALA B 220 11.43 -20.07 -6.87
C ALA B 220 11.78 -19.58 -8.26
N CYS B 221 11.06 -20.01 -9.29
CA CYS B 221 11.29 -19.49 -10.63
C CYS B 221 10.97 -17.98 -10.70
N PHE B 222 9.85 -17.56 -10.13
CA PHE B 222 9.46 -16.15 -10.08
C PHE B 222 10.55 -15.34 -9.37
N GLN B 223 11.10 -15.90 -8.30
CA GLN B 223 12.14 -15.20 -7.53
C GLN B 223 13.34 -14.88 -8.44
N SER B 224 13.64 -15.79 -9.36
CA SER B 224 14.86 -15.67 -10.16
C SER B 224 14.82 -14.44 -11.04
N VAL B 225 13.63 -13.97 -11.39
CA VAL B 225 13.47 -12.77 -12.20
C VAL B 225 14.13 -11.55 -11.54
N ILE B 226 14.05 -11.49 -10.21
CA ILE B 226 14.55 -10.34 -9.46
C ILE B 226 16.08 -10.28 -9.51
N ALA B 227 16.74 -11.37 -9.87
CA ALA B 227 18.20 -11.35 -10.03
C ALA B 227 18.66 -10.54 -11.23
N HIS B 228 17.75 -10.22 -12.13
CA HIS B 228 18.18 -9.55 -13.35
C HIS B 228 18.73 -8.16 -13.04
N PRO B 229 19.87 -7.78 -13.65
CA PRO B 229 20.47 -6.50 -13.26
C PRO B 229 19.59 -5.28 -13.48
N GLU B 230 18.75 -5.27 -14.52
CA GLU B 230 17.86 -4.15 -14.75
C GLU B 230 16.83 -4.04 -13.63
N VAL B 231 16.30 -5.17 -13.19
CA VAL B 231 15.36 -5.16 -12.08
C VAL B 231 16.08 -4.67 -10.83
N GLN B 232 17.30 -5.15 -10.61
CA GLN B 232 18.09 -4.70 -9.47
C GLN B 232 18.31 -3.18 -9.51
N ASN B 233 18.59 -2.66 -10.70
CA ASN B 233 18.85 -1.24 -10.85
C ASN B 233 17.68 -0.34 -10.50
N ILE B 234 16.47 -0.80 -10.73
N ILE B 234 16.46 -0.80 -10.72
CA ILE B 234 15.32 0.06 -10.46
CA ILE B 234 15.30 0.06 -10.47
C ILE B 234 15.12 0.24 -8.96
C ILE B 234 14.84 0.07 -9.02
N ALA B 235 15.43 -0.80 -8.20
CA ALA B 235 15.28 -0.77 -6.74
C ALA B 235 13.85 -0.45 -6.25
N SER B 236 12.91 -1.23 -6.78
CA SER B 236 11.48 -1.07 -6.49
C SER B 236 11.15 -1.27 -5.04
N GLY B 237 11.89 -2.15 -4.39
CA GLY B 237 11.50 -2.58 -3.05
C GLY B 237 10.82 -3.94 -3.13
N MET B 238 9.71 -4.08 -2.43
CA MET B 238 9.03 -5.34 -2.40
C MET B 238 8.37 -5.59 -3.77
N LEU B 239 8.73 -6.70 -4.39
CA LEU B 239 8.10 -7.11 -5.64
C LEU B 239 7.42 -8.44 -5.40
N LEU B 240 6.11 -8.42 -5.52
CA LEU B 240 5.33 -9.66 -5.41
C LEU B 240 4.58 -9.95 -6.70
N PRO B 241 4.33 -11.24 -6.98
CA PRO B 241 3.51 -11.54 -8.17
C PRO B 241 2.09 -10.97 -8.05
N LEU B 242 1.62 -10.35 -9.14
CA LEU B 242 0.30 -9.76 -9.24
C LEU B 242 -0.59 -10.51 -10.25
N GLY B 243 0.02 -11.22 -11.19
CA GLY B 243 -0.76 -11.97 -12.17
C GLY B 243 0.15 -12.58 -13.22
N VAL B 244 -0.41 -13.38 -14.11
CA VAL B 244 0.31 -13.99 -15.22
C VAL B 244 -0.60 -13.98 -16.44
N ARG B 245 -0.17 -13.45 -17.58
CA ARG B 245 -1.06 -13.35 -18.73
CA ARG B 245 -1.05 -13.33 -18.74
C ARG B 245 -1.37 -14.68 -19.37
N ARG B 246 -0.38 -15.58 -19.42
N ARG B 246 -0.37 -15.56 -19.44
CA ARG B 246 -0.58 -16.89 -20.06
CA ARG B 246 -0.51 -16.87 -20.05
C ARG B 246 0.26 -18.00 -19.44
C ARG B 246 0.25 -17.91 -19.26
N LEU B 247 -0.41 -19.02 -18.93
CA LEU B 247 0.24 -20.17 -18.32
C LEU B 247 -0.14 -21.40 -19.13
N ARG B 248 0.85 -22.19 -19.50
CA ARG B 248 0.60 -23.44 -20.18
C ARG B 248 1.64 -24.47 -19.77
N ALA B 249 1.17 -25.64 -19.39
CA ALA B 249 2.05 -26.77 -19.09
C ALA B 249 2.12 -27.70 -20.33
N TYR B 250 3.33 -28.18 -20.65
CA TYR B 250 3.52 -29.03 -21.84
C TYR B 250 3.84 -30.46 -21.47
N GLY B 251 4.19 -30.69 -20.22
CA GLY B 251 4.48 -32.02 -19.74
C GLY B 251 4.66 -31.95 -18.24
N SER B 252 4.99 -33.07 -17.62
CA SER B 252 5.30 -33.09 -16.20
C SER B 252 6.39 -32.12 -15.87
N THR B 253 6.25 -31.43 -14.75
CA THR B 253 7.31 -30.55 -14.26
C THR B 253 8.17 -31.19 -13.18
N ARG B 254 8.03 -32.51 -13.01
CA ARG B 254 8.76 -33.22 -11.97
C ARG B 254 10.27 -33.02 -12.12
N ASN B 255 10.76 -32.96 -13.36
CA ASN B 255 12.20 -32.88 -13.61
C ASN B 255 12.72 -31.49 -13.99
N VAL B 256 11.95 -30.45 -13.69
CA VAL B 256 12.44 -29.09 -13.89
C VAL B 256 13.72 -28.86 -13.08
N ARG B 257 14.74 -28.32 -13.77
N ARG B 257 14.75 -28.33 -13.74
CA ARG B 257 16.03 -28.02 -13.17
CA ARG B 257 15.99 -27.97 -13.07
C ARG B 257 16.55 -26.64 -13.55
C ARG B 257 16.42 -26.54 -13.38
N TYR B 258 15.81 -25.93 -14.41
CA TYR B 258 16.22 -24.60 -14.84
C TYR B 258 15.02 -23.71 -15.19
N CYS B 259 15.23 -22.40 -15.14
CA CYS B 259 14.25 -21.44 -15.59
C CYS B 259 14.94 -20.35 -16.36
N LEU B 260 14.46 -20.13 -17.58
CA LEU B 260 14.95 -19.06 -18.43
C LEU B 260 13.90 -17.98 -18.40
N SER B 261 14.28 -16.77 -17.97
CA SER B 261 13.38 -15.66 -17.90
C SER B 261 13.84 -14.56 -18.81
N ARG B 262 12.88 -13.77 -19.29
CA ARG B 262 13.11 -12.65 -20.18
C ARG B 262 12.37 -11.45 -19.61
N ILE B 263 13.11 -10.37 -19.34
CA ILE B 263 12.48 -9.17 -18.86
C ILE B 263 11.83 -8.47 -20.04
N VAL B 264 10.53 -8.23 -19.92
CA VAL B 264 9.74 -7.56 -20.96
C VAL B 264 9.65 -6.08 -20.67
N LYS B 265 9.40 -5.74 -19.41
N LYS B 265 9.40 -5.74 -19.41
CA LYS B 265 9.38 -4.35 -19.00
CA LYS B 265 9.35 -4.35 -18.97
C LYS B 265 9.79 -4.25 -17.54
C LYS B 265 9.81 -4.26 -17.52
N ALA B 266 10.55 -3.21 -17.21
CA ALA B 266 10.95 -2.96 -15.85
C ALA B 266 11.04 -1.46 -15.65
N ASP B 267 10.20 -0.94 -14.78
CA ASP B 267 10.25 0.46 -14.40
C ASP B 267 9.77 0.70 -12.98
N SER B 268 9.56 1.96 -12.62
CA SER B 268 9.20 2.30 -11.25
C SER B 268 7.90 1.65 -10.80
N PHE B 269 7.04 1.27 -11.75
CA PHE B 269 5.75 0.69 -11.39
C PHE B 269 5.83 -0.80 -11.12
N GLY B 270 6.72 -1.51 -11.81
CA GLY B 270 6.80 -2.95 -11.62
C GLY B 270 7.63 -3.60 -12.72
N VAL B 271 7.49 -4.90 -12.83
CA VAL B 271 8.28 -5.69 -13.74
C VAL B 271 7.36 -6.65 -14.45
N GLU B 272 7.55 -6.84 -15.74
CA GLU B 272 6.90 -7.89 -16.48
C GLU B 272 7.95 -8.80 -17.09
N ALA B 273 7.74 -10.11 -16.99
CA ALA B 273 8.70 -11.09 -17.49
C ALA B 273 7.99 -12.30 -18.09
N ASP B 274 8.66 -12.95 -19.01
CA ASP B 274 8.24 -14.24 -19.57
C ASP B 274 9.20 -15.33 -19.08
N LEU B 275 8.65 -16.48 -18.68
CA LEU B 275 9.44 -17.55 -18.09
C LEU B 275 9.21 -18.86 -18.77
N GLU B 276 10.28 -19.65 -18.90
CA GLU B 276 10.18 -21.03 -19.38
C GLU B 276 10.87 -21.93 -18.38
N LEU B 277 10.14 -22.90 -17.84
CA LEU B 277 10.68 -23.90 -16.94
C LEU B 277 11.23 -25.06 -17.75
N LEU B 278 12.50 -25.42 -17.52
CA LEU B 278 13.22 -26.37 -18.36
C LEU B 278 13.70 -27.58 -17.56
N ASP B 279 13.77 -28.75 -18.17
CA ASP B 279 14.50 -29.86 -17.55
C ASP B 279 15.99 -29.75 -17.90
N ALA B 280 16.77 -30.73 -17.46
CA ALA B 280 18.23 -30.70 -17.69
C ALA B 280 18.60 -30.79 -19.17
N ASP B 281 17.67 -31.28 -19.99
CA ASP B 281 17.89 -31.35 -21.43
C ASP B 281 17.49 -30.06 -22.13
N GLY B 282 16.95 -29.12 -21.35
CA GLY B 282 16.53 -27.84 -21.91
C GLY B 282 15.17 -27.86 -22.56
N THR B 283 14.43 -28.95 -22.39
CA THR B 283 13.07 -29.06 -22.88
C THR B 283 12.14 -28.15 -22.10
N VAL B 284 11.27 -27.44 -22.80
CA VAL B 284 10.34 -26.52 -22.14
C VAL B 284 9.16 -27.30 -21.63
N LEU B 285 8.96 -27.26 -20.30
CA LEU B 285 7.89 -28.01 -19.65
C LEU B 285 6.73 -27.14 -19.23
N LEU B 286 6.97 -25.86 -19.02
CA LEU B 286 5.92 -24.94 -18.65
C LEU B 286 6.33 -23.54 -19.08
N SER B 287 5.35 -22.79 -19.56
CA SER B 287 5.51 -21.40 -19.95
C SER B 287 4.66 -20.48 -19.08
N ALA B 288 5.24 -19.39 -18.59
CA ALA B 288 4.52 -18.38 -17.85
C ALA B 288 4.85 -17.06 -18.48
N MET B 289 3.96 -16.58 -19.34
N MET B 289 3.99 -16.61 -19.39
CA MET B 289 4.19 -15.37 -20.12
CA MET B 289 4.22 -15.37 -20.11
C MET B 289 3.46 -14.17 -19.53
C MET B 289 3.53 -14.22 -19.41
N GLY B 290 4.17 -13.06 -19.37
CA GLY B 290 3.57 -11.90 -18.78
C GLY B 290 3.32 -12.06 -17.30
N LEU B 291 4.29 -12.65 -16.59
CA LEU B 291 4.35 -12.53 -15.15
C LEU B 291 4.45 -11.07 -14.82
N GLN B 292 3.60 -10.57 -13.95
CA GLN B 292 3.64 -9.20 -13.46
C GLN B 292 4.03 -9.15 -11.99
N LEU B 293 5.11 -8.42 -11.68
CA LEU B 293 5.55 -8.22 -10.31
C LEU B 293 5.38 -6.77 -9.93
N GLY B 294 4.90 -6.50 -8.72
CA GLY B 294 4.79 -5.13 -8.26
C GLY B 294 4.48 -5.07 -6.78
N THR B 295 4.13 -3.85 -6.36
N THR B 295 4.06 -3.90 -6.31
CA THR B 295 3.55 -3.60 -5.05
CA THR B 295 3.66 -3.77 -4.90
C THR B 295 2.06 -3.87 -5.13
C THR B 295 2.39 -4.58 -4.59
N GLY B 296 1.41 -3.92 -3.98
CA GLY B 296 0.05 -4.44 -3.92
C GLY B 296 -0.68 -3.95 -2.69
N ASN B 297 -0.83 -4.84 -1.72
CA ASN B 297 -1.40 -4.50 -0.42
C ASN B 297 -0.82 -5.35 0.69
N SER B 298 0.46 -5.14 0.98
CA SER B 298 1.16 -5.93 1.97
C SER B 298 0.75 -5.54 3.39
N ASP B 299 -0.17 -4.58 3.50
CA ASP B 299 -0.59 -4.08 4.80
C ASP B 299 -1.52 -5.06 5.51
#